data_6W2Z
#
_entry.id   6W2Z
#
_cell.length_a   39.681
_cell.length_b   85.456
_cell.length_c   70.360
_cell.angle_alpha   90.000
_cell.angle_beta   94.969
_cell.angle_gamma   90.000
#
_symmetry.space_group_name_H-M   'P 1 21 1'
#
loop_
_entity.id
_entity.type
_entity.pdbx_description
1 polymer Beta-lactamase
2 non-polymer (2S,5R)-1-formyl-5-[(sulfooxy)amino]piperidine-2-carboxamide
3 non-polymer 'FORMIC ACID'
4 non-polymer 1,2-ETHANEDIOL
5 water water
#
_entity_poly.entity_id   1
_entity_poly.type   'polypeptide(L)'
_entity_poly.pdbx_seq_one_letter_code
;SNAEAKSIEDTNMASCITNKKFVQLEKKFDARLGVYAIDIGSNKTIAYRPNERFAYASTYKVLAAAAVLKKNSIEKLNEV
IHYSKDDLVTYSPITEKHLDTGMSLKEISEAAIRYSDNTAGNILLQQLGGPKGFEKSLKQIGDHVTKAKRFETDLNSAIP
GDIRDTSTAKALATDLKAFTLDNTLTTDKRMILTDWMRGNATGDELIRAGAPIGWEVGDKSGAGSYGTRNDIAIVWPPNR
APIVVAILSNRFTKDANYDNALIAEAAKVVLNDLK
;
_entity_poly.pdbx_strand_id   A,B
#
# COMPACT_ATOMS: atom_id res chain seq x y z
N CYS A 16 2.88 -14.48 30.08
CA CYS A 16 1.89 -15.54 29.89
C CYS A 16 0.58 -15.23 30.59
N ILE A 17 0.66 -14.53 31.72
CA ILE A 17 -0.54 -14.26 32.51
C ILE A 17 -1.52 -13.39 31.75
N THR A 18 -1.03 -12.35 31.07
CA THR A 18 -1.89 -11.51 30.27
C THR A 18 -2.51 -12.29 29.11
N ASN A 19 -1.71 -13.13 28.45
CA ASN A 19 -2.24 -13.99 27.40
C ASN A 19 -3.37 -14.88 27.91
N LYS A 20 -3.24 -15.39 29.14
CA LYS A 20 -4.26 -16.28 29.69
C LYS A 20 -5.58 -15.55 29.89
N LYS A 21 -5.52 -14.29 30.30
CA LYS A 21 -6.75 -13.51 30.49
C LYS A 21 -7.49 -13.31 29.17
N PHE A 22 -6.76 -13.07 28.08
CA PHE A 22 -7.40 -12.89 26.80
C PHE A 22 -8.00 -14.19 26.29
N VAL A 23 -7.30 -15.30 26.50
CA VAL A 23 -7.87 -16.59 26.12
C VAL A 23 -9.18 -16.81 26.84
N GLN A 24 -9.24 -16.46 28.14
CA GLN A 24 -10.44 -16.71 28.91
C GLN A 24 -11.57 -15.75 28.54
N LEU A 25 -11.23 -14.52 28.14
CA LEU A 25 -12.24 -13.61 27.60
C LEU A 25 -12.87 -14.17 26.32
N GLU A 26 -12.06 -14.79 25.46
CA GLU A 26 -12.60 -15.39 24.24
C GLU A 26 -13.58 -16.51 24.57
N LYS A 27 -13.23 -17.34 25.57
CA LYS A 27 -14.14 -18.40 26.01
C LYS A 27 -15.40 -17.80 26.63
N LYS A 28 -15.22 -16.83 27.54
CA LYS A 28 -16.35 -16.27 28.29
C LYS A 28 -17.39 -15.64 27.36
N PHE A 29 -16.96 -14.93 26.33
CA PHE A 29 -17.86 -14.18 25.46
C PHE A 29 -18.11 -14.87 24.12
N ASP A 30 -17.57 -16.07 23.92
CA ASP A 30 -17.72 -16.83 22.67
C ASP A 30 -17.33 -15.97 21.47
N ALA A 31 -16.06 -15.57 21.47
CA ALA A 31 -15.64 -14.51 20.56
C ALA A 31 -14.17 -14.70 20.17
N ARG A 32 -13.76 -13.99 19.12
CA ARG A 32 -12.35 -13.84 18.77
C ARG A 32 -11.94 -12.41 19.06
N LEU A 33 -10.76 -12.24 19.66
CA LEU A 33 -10.33 -10.96 20.21
C LEU A 33 -8.94 -10.61 19.68
N GLY A 34 -8.79 -9.37 19.23
CA GLY A 34 -7.49 -8.87 18.82
C GLY A 34 -7.11 -7.63 19.59
N VAL A 35 -5.88 -7.58 20.09
CA VAL A 35 -5.45 -6.53 21.01
C VAL A 35 -4.06 -6.04 20.59
N TYR A 36 -3.88 -4.72 20.55
CA TYR A 36 -2.53 -4.17 20.47
C TYR A 36 -2.52 -2.84 21.20
N ALA A 37 -1.58 -2.69 22.14
CA ALA A 37 -1.47 -1.44 22.89
C ALA A 37 0.01 -1.07 23.03
N ILE A 38 0.30 0.24 22.98
CA ILE A 38 1.66 0.75 23.11
C ILE A 38 1.66 1.86 24.15
N ASP A 39 2.53 1.75 25.14
CA ASP A 39 2.76 2.84 26.08
C ASP A 39 3.86 3.71 25.49
N ILE A 40 3.51 4.95 25.15
CA ILE A 40 4.45 5.87 24.52
C ILE A 40 5.63 6.23 25.42
N GLY A 41 5.46 6.12 26.74
CA GLY A 41 6.55 6.49 27.64
C GLY A 41 7.59 5.42 27.84
N SER A 42 7.19 4.15 27.83
CA SER A 42 8.12 3.06 28.10
C SER A 42 8.38 2.21 26.88
N ASN A 43 7.58 2.36 25.82
CA ASN A 43 7.60 1.54 24.61
C ASN A 43 7.12 0.12 24.86
N LYS A 44 6.64 -0.17 26.07
CA LYS A 44 6.06 -1.48 26.35
C LYS A 44 4.81 -1.67 25.52
N THR A 45 4.58 -2.92 25.12
CA THR A 45 3.45 -3.30 24.29
C THR A 45 2.73 -4.48 24.90
N ILE A 46 1.44 -4.58 24.61
CA ILE A 46 0.65 -5.75 24.91
C ILE A 46 -0.04 -6.19 23.63
N ALA A 47 0.01 -7.48 23.33
CA ALA A 47 -0.45 -7.97 22.04
C ALA A 47 -1.21 -9.28 22.22
N TYR A 48 -2.33 -9.41 21.52
CA TYR A 48 -3.05 -10.68 21.45
C TYR A 48 -3.67 -10.76 20.07
N ARG A 49 -3.38 -11.84 19.32
CA ARG A 49 -3.73 -11.95 17.91
C ARG A 49 -3.49 -10.62 17.17
N PRO A 50 -2.34 -9.97 17.36
CA PRO A 50 -2.21 -8.58 16.89
C PRO A 50 -2.17 -8.46 15.38
N ASN A 51 -1.86 -9.54 14.67
CA ASN A 51 -1.76 -9.51 13.22
C ASN A 51 -2.90 -10.23 12.53
N GLU A 52 -3.94 -10.62 13.27
CA GLU A 52 -5.09 -11.26 12.64
C GLU A 52 -6.09 -10.22 12.16
N ARG A 53 -6.74 -10.52 11.05
CA ARG A 53 -7.62 -9.55 10.41
C ARG A 53 -9.01 -9.57 11.01
N PHE A 54 -9.56 -8.37 11.22
CA PHE A 54 -10.94 -8.15 11.62
C PHE A 54 -11.52 -7.07 10.70
N ALA A 55 -12.84 -7.11 10.50
CA ALA A 55 -13.50 -6.00 9.84
C ALA A 55 -13.39 -4.78 10.74
N TYR A 56 -12.93 -3.66 10.21
CA TYR A 56 -12.72 -2.50 11.06
C TYR A 56 -14.00 -1.76 11.39
N ALA A 57 -15.06 -1.95 10.62
CA ALA A 57 -16.30 -1.22 10.81
C ALA A 57 -16.05 0.28 10.98
N SER A 58 -16.78 0.94 11.88
CA SER A 58 -16.74 2.39 11.97
C SER A 58 -15.40 2.96 12.42
N THR A 59 -14.46 2.13 12.88
CA THR A 59 -13.19 2.68 13.37
C THR A 59 -12.41 3.41 12.28
N TYR A 60 -12.66 3.12 10.99
CA TYR A 60 -11.91 3.81 9.94
C TYR A 60 -12.19 5.30 9.95
N LYS A 61 -13.33 5.71 10.51
CA LYS A 61 -13.77 7.10 10.36
C LYS A 61 -12.76 8.07 10.95
N VAL A 62 -12.13 7.72 12.08
CA VAL A 62 -11.14 8.62 12.67
C VAL A 62 -9.88 8.69 11.80
N LEU A 63 -9.47 7.56 11.20
CA LEU A 63 -8.30 7.56 10.33
C LEU A 63 -8.58 8.29 9.01
N ALA A 64 -9.79 8.10 8.45
CA ALA A 64 -10.14 8.83 7.23
C ALA A 64 -10.20 10.33 7.51
N ALA A 65 -10.74 10.72 8.66
CA ALA A 65 -10.78 12.14 9.01
C ALA A 65 -9.37 12.71 9.14
N ALA A 66 -8.47 11.96 9.80
CA ALA A 66 -7.10 12.42 9.96
C ALA A 66 -6.42 12.58 8.61
N ALA A 67 -6.67 11.65 7.68
CA ALA A 67 -6.08 11.75 6.36
C ALA A 67 -6.62 12.96 5.61
N VAL A 68 -7.92 13.25 5.77
CA VAL A 68 -8.49 14.43 5.13
C VAL A 68 -7.88 15.71 5.70
N LEU A 69 -7.70 15.77 7.02
CA LEU A 69 -7.05 16.93 7.62
C LEU A 69 -5.63 17.12 7.09
N LYS A 70 -4.88 16.01 6.97
CA LYS A 70 -3.50 16.08 6.53
C LYS A 70 -3.39 16.69 5.14
N LYS A 71 -4.26 16.26 4.21
CA LYS A 71 -4.12 16.58 2.80
C LYS A 71 -4.79 17.89 2.38
N ASN A 72 -5.49 18.59 3.27
CA ASN A 72 -6.25 19.75 2.85
C ASN A 72 -5.91 20.98 3.69
N SER A 73 -5.86 22.12 3.02
CA SER A 73 -5.65 23.40 3.69
C SER A 73 -6.87 23.76 4.54
N ILE A 74 -6.65 24.67 5.49
CA ILE A 74 -7.75 25.15 6.31
C ILE A 74 -8.87 25.74 5.46
N GLU A 75 -8.50 26.40 4.35
CA GLU A 75 -9.51 26.94 3.44
C GLU A 75 -10.37 25.83 2.85
N LYS A 76 -9.73 24.78 2.33
CA LYS A 76 -10.50 23.69 1.74
C LYS A 76 -11.36 22.99 2.79
N LEU A 77 -10.82 22.84 4.01
CA LEU A 77 -11.55 22.15 5.07
C LEU A 77 -12.77 22.92 5.57
N ASN A 78 -12.83 24.23 5.32
CA ASN A 78 -13.98 25.02 5.74
C ASN A 78 -14.97 25.28 4.61
N GLU A 79 -14.64 24.89 3.38
CA GLU A 79 -15.55 25.05 2.26
C GLU A 79 -16.79 24.18 2.47
N VAL A 80 -17.95 24.72 2.09
CA VAL A 80 -19.21 23.99 2.27
C VAL A 80 -19.36 22.95 1.16
N ILE A 81 -19.64 21.71 1.56
CA ILE A 81 -19.99 20.64 0.63
C ILE A 81 -21.50 20.50 0.66
N HIS A 82 -22.10 20.34 -0.50
CA HIS A 82 -23.50 20.02 -0.58
C HIS A 82 -23.65 18.59 -1.09
N TYR A 83 -24.63 17.88 -0.55
CA TYR A 83 -24.89 16.51 -0.95
C TYR A 83 -26.39 16.35 -1.09
N SER A 84 -26.78 15.34 -1.86
CA SER A 84 -28.19 15.16 -2.12
C SER A 84 -28.80 14.16 -1.14
N LYS A 85 -30.13 14.19 -1.04
CA LYS A 85 -30.88 13.20 -0.28
C LYS A 85 -30.54 11.79 -0.71
N ASP A 86 -30.07 11.60 -1.95
CA ASP A 86 -29.75 10.27 -2.44
C ASP A 86 -28.40 9.76 -1.96
N ASP A 87 -27.54 10.65 -1.48
CA ASP A 87 -26.29 10.21 -0.85
C ASP A 87 -26.48 9.70 0.56
N LEU A 88 -27.64 9.94 1.18
CA LEU A 88 -27.84 9.55 2.56
C LEU A 88 -28.02 8.04 2.66
N VAL A 89 -27.18 7.40 3.45
CA VAL A 89 -27.32 6.00 3.77
C VAL A 89 -27.88 5.87 5.19
N THR A 90 -28.17 4.63 5.58
CA THR A 90 -28.68 4.35 6.92
C THR A 90 -27.73 4.86 8.00
N TYR A 91 -28.31 5.35 9.11
CA TYR A 91 -27.56 5.87 10.25
C TYR A 91 -26.72 7.09 9.86
N SER A 92 -27.44 8.16 9.56
CA SER A 92 -26.84 9.44 9.21
C SER A 92 -27.46 10.55 10.05
N PRO A 93 -27.32 10.47 11.39
CA PRO A 93 -28.09 11.37 12.27
C PRO A 93 -27.76 12.83 12.11
N ILE A 94 -26.55 13.17 11.68
CA ILE A 94 -26.13 14.55 11.51
C ILE A 94 -26.31 15.01 10.07
N THR A 95 -25.76 14.26 9.12
CA THR A 95 -25.81 14.67 7.72
C THR A 95 -27.24 14.81 7.21
N GLU A 96 -28.15 14.00 7.73
CA GLU A 96 -29.55 14.12 7.28
C GLU A 96 -30.17 15.46 7.64
N LYS A 97 -29.63 16.17 8.63
CA LYS A 97 -30.18 17.46 9.03
C LYS A 97 -29.73 18.60 8.12
N HIS A 98 -28.67 18.40 7.33
CA HIS A 98 -27.99 19.51 6.68
C HIS A 98 -28.00 19.42 5.16
N LEU A 99 -29.04 18.79 4.60
CA LEU A 99 -29.22 18.81 3.15
C LEU A 99 -29.24 20.24 2.61
N ASP A 100 -29.85 21.16 3.35
CA ASP A 100 -30.03 22.51 2.82
C ASP A 100 -28.80 23.39 3.03
N THR A 101 -28.20 23.36 4.21
CA THR A 101 -27.05 24.22 4.47
C THR A 101 -25.75 23.64 3.93
N GLY A 102 -25.68 22.32 3.74
CA GLY A 102 -24.41 21.66 3.47
C GLY A 102 -23.57 21.56 4.73
N MET A 103 -22.39 20.95 4.59
CA MET A 103 -21.45 20.83 5.69
C MET A 103 -20.03 20.96 5.17
N SER A 104 -19.13 21.49 5.99
CA SER A 104 -17.72 21.51 5.62
C SER A 104 -17.05 20.18 5.93
N LEU A 105 -15.87 19.96 5.36
CA LEU A 105 -15.12 18.75 5.67
C LEU A 105 -14.78 18.66 7.15
N LYS A 106 -14.54 19.81 7.79
CA LYS A 106 -14.35 19.84 9.23
C LYS A 106 -15.60 19.33 9.95
N GLU A 107 -16.78 19.84 9.57
CA GLU A 107 -18.02 19.41 10.21
C GLU A 107 -18.34 17.95 9.91
N ILE A 108 -18.09 17.52 8.68
CA ILE A 108 -18.27 16.11 8.30
C ILE A 108 -17.36 15.21 9.12
N SER A 109 -16.09 15.61 9.29
CA SER A 109 -15.17 14.82 10.11
C SER A 109 -15.68 14.70 11.55
N GLU A 110 -16.17 15.81 12.12
CA GLU A 110 -16.67 15.76 13.50
C GLU A 110 -17.87 14.83 13.61
N ALA A 111 -18.79 14.91 12.63
CA ALA A 111 -19.96 14.04 12.67
C ALA A 111 -19.58 12.57 12.58
N ALA A 112 -18.60 12.27 11.72
CA ALA A 112 -18.17 10.87 11.57
C ALA A 112 -17.54 10.35 12.85
N ILE A 113 -16.74 11.19 13.52
CA ILE A 113 -16.01 10.72 14.70
C ILE A 113 -16.89 10.72 15.94
N ARG A 114 -17.66 11.79 16.16
CA ARG A 114 -18.44 11.89 17.38
C ARG A 114 -19.67 10.99 17.36
N TYR A 115 -20.34 10.89 16.21
CA TYR A 115 -21.62 10.20 16.13
C TYR A 115 -21.62 9.01 15.20
N SER A 116 -20.48 8.72 14.55
CA SER A 116 -20.34 7.57 13.67
C SER A 116 -21.26 7.67 12.45
N ASP A 117 -21.52 8.89 11.99
CA ASP A 117 -22.44 9.14 10.89
C ASP A 117 -21.94 8.46 9.61
N ASN A 118 -22.79 7.62 9.00
CA ASN A 118 -22.33 6.80 7.88
C ASN A 118 -22.18 7.60 6.59
N THR A 119 -23.08 8.55 6.34
CA THR A 119 -22.89 9.38 5.15
C THR A 119 -21.65 10.25 5.28
N ALA A 120 -21.40 10.79 6.47
CA ALA A 120 -20.15 11.49 6.72
C ALA A 120 -18.95 10.61 6.42
N GLY A 121 -18.99 9.35 6.88
CA GLY A 121 -17.93 8.41 6.53
C GLY A 121 -17.75 8.26 5.03
N ASN A 122 -18.86 8.17 4.29
CA ASN A 122 -18.78 8.04 2.84
C ASN A 122 -18.19 9.28 2.19
N ILE A 123 -18.55 10.47 2.66
CA ILE A 123 -17.98 11.68 2.09
C ILE A 123 -16.48 11.77 2.36
N LEU A 124 -16.04 11.35 3.55
CA LEU A 124 -14.60 11.29 3.81
C LEU A 124 -13.90 10.31 2.86
N LEU A 125 -14.46 9.12 2.68
CA LEU A 125 -13.85 8.18 1.75
C LEU A 125 -13.82 8.76 0.33
N GLN A 126 -14.90 9.40 -0.10
CA GLN A 126 -14.92 10.05 -1.41
C GLN A 126 -13.84 11.12 -1.53
N GLN A 127 -13.67 11.96 -0.50
CA GLN A 127 -12.67 13.02 -0.56
C GLN A 127 -11.26 12.48 -0.76
N LEU A 128 -11.01 11.27 -0.26
CA LEU A 128 -9.70 10.64 -0.35
C LEU A 128 -9.53 9.83 -1.63
N GLY A 129 -10.52 9.85 -2.52
CA GLY A 129 -10.45 9.06 -3.73
C GLY A 129 -11.11 7.70 -3.61
N GLY A 130 -12.13 7.57 -2.75
CA GLY A 130 -12.78 6.30 -2.55
C GLY A 130 -12.00 5.40 -1.63
N PRO A 131 -12.54 4.22 -1.36
CA PRO A 131 -11.83 3.28 -0.46
C PRO A 131 -10.39 3.05 -0.84
N LYS A 132 -10.10 2.91 -2.14
CA LYS A 132 -8.72 2.66 -2.53
C LYS A 132 -7.84 3.88 -2.30
N GLY A 133 -8.41 5.09 -2.40
CA GLY A 133 -7.64 6.27 -2.07
C GLY A 133 -7.39 6.38 -0.58
N PHE A 134 -8.36 5.97 0.23
CA PHE A 134 -8.16 5.93 1.67
C PHE A 134 -7.04 4.97 2.02
N GLU A 135 -7.04 3.79 1.38
CA GLU A 135 -5.96 2.83 1.61
C GLU A 135 -4.61 3.41 1.21
N LYS A 136 -4.58 4.19 0.12
CA LYS A 136 -3.34 4.85 -0.28
C LYS A 136 -2.87 5.81 0.79
N SER A 137 -3.79 6.56 1.41
N SER A 137 -3.79 6.55 1.41
CA SER A 137 -3.40 7.47 2.47
CA SER A 137 -3.40 7.47 2.47
C SER A 137 -2.79 6.72 3.65
C SER A 137 -2.81 6.73 3.67
N LEU A 138 -3.25 5.50 3.91
CA LEU A 138 -2.67 4.71 4.99
C LEU A 138 -1.29 4.18 4.61
N LYS A 139 -1.12 3.74 3.37
CA LYS A 139 0.22 3.32 2.93
C LYS A 139 1.24 4.44 3.09
N GLN A 140 0.79 5.70 2.94
CA GLN A 140 1.71 6.83 3.07
C GLN A 140 2.27 6.95 4.47
N ILE A 141 1.50 6.53 5.48
CA ILE A 141 2.01 6.52 6.86
C ILE A 141 2.56 5.16 7.26
N GLY A 142 2.77 4.25 6.31
CA GLY A 142 3.46 3.02 6.55
C GLY A 142 2.59 1.80 6.76
N ASP A 143 1.27 1.90 6.55
CA ASP A 143 0.35 0.80 6.80
C ASP A 143 0.14 0.07 5.49
N HIS A 144 0.76 -1.10 5.35
CA HIS A 144 0.54 -1.93 4.18
C HIS A 144 -0.45 -3.05 4.42
N VAL A 145 -1.09 -3.05 5.60
CA VAL A 145 -1.93 -4.14 6.08
C VAL A 145 -3.41 -3.86 5.79
N THR A 146 -3.87 -2.65 6.09
CA THR A 146 -5.29 -2.34 5.94
C THR A 146 -5.70 -2.46 4.49
N LYS A 147 -6.85 -3.10 4.25
CA LYS A 147 -7.44 -3.23 2.91
C LYS A 147 -8.81 -2.59 2.92
N ALA A 148 -8.99 -1.56 2.10
CA ALA A 148 -10.26 -0.81 2.04
C ALA A 148 -10.85 -0.95 0.65
N LYS A 149 -12.11 -1.39 0.59
CA LYS A 149 -12.69 -1.71 -0.71
C LYS A 149 -14.08 -1.15 -0.95
N ARG A 150 -14.90 -0.99 0.10
CA ARG A 150 -16.31 -0.67 -0.06
C ARG A 150 -16.70 0.59 0.71
N PHE A 151 -17.84 1.14 0.34
CA PHE A 151 -18.48 2.24 1.03
C PHE A 151 -19.45 1.73 2.09
N GLU A 152 -19.95 2.66 2.91
CA GLU A 152 -21.07 2.38 3.80
C GLU A 152 -22.34 2.12 2.99
N THR A 153 -23.15 1.17 3.45
CA THR A 153 -22.93 0.40 4.67
C THR A 153 -22.36 -0.99 4.38
N ASP A 154 -22.06 -1.26 3.10
CA ASP A 154 -21.59 -2.60 2.72
C ASP A 154 -20.31 -2.98 3.44
N LEU A 155 -19.49 -2.00 3.85
CA LEU A 155 -18.20 -2.32 4.42
C LEU A 155 -18.28 -3.02 5.77
N ASN A 156 -19.46 -3.14 6.37
CA ASN A 156 -19.60 -3.73 7.69
C ASN A 156 -20.02 -5.19 7.68
N SER A 157 -19.94 -5.86 6.52
CA SER A 157 -20.48 -7.22 6.40
C SER A 157 -19.69 -8.25 7.20
N ALA A 158 -18.38 -8.07 7.36
CA ALA A 158 -17.55 -8.90 8.25
C ALA A 158 -17.70 -10.40 7.98
N ILE A 159 -17.65 -10.76 6.69
CA ILE A 159 -17.88 -12.12 6.23
C ILE A 159 -16.66 -12.97 6.55
N PRO A 160 -16.82 -14.20 7.04
CA PRO A 160 -15.66 -15.06 7.34
C PRO A 160 -14.80 -15.25 6.09
N GLY A 161 -13.48 -15.10 6.26
CA GLY A 161 -12.54 -15.26 5.17
C GLY A 161 -12.38 -14.06 4.25
N ASP A 162 -13.20 -13.03 4.38
CA ASP A 162 -13.16 -11.88 3.49
C ASP A 162 -12.15 -10.89 4.04
N ILE A 163 -11.24 -10.41 3.18
CA ILE A 163 -10.29 -9.40 3.63
C ILE A 163 -10.70 -7.98 3.25
N ARG A 164 -11.79 -7.79 2.52
CA ARG A 164 -12.25 -6.44 2.20
C ARG A 164 -12.62 -5.69 3.47
N ASP A 165 -12.11 -4.46 3.59
CA ASP A 165 -12.46 -3.58 4.70
C ASP A 165 -12.01 -4.17 6.04
N THR A 166 -10.81 -4.76 6.05
CA THR A 166 -10.23 -5.31 7.27
C THR A 166 -8.89 -4.65 7.59
N SER A 167 -8.53 -4.76 8.87
CA SER A 167 -7.20 -4.40 9.32
C SER A 167 -6.84 -5.31 10.49
N THR A 168 -5.76 -4.97 11.19
CA THR A 168 -5.36 -5.70 12.38
C THR A 168 -5.25 -4.74 13.55
N ALA A 169 -5.30 -5.29 14.77
CA ALA A 169 -5.16 -4.43 15.95
C ALA A 169 -3.86 -3.65 15.90
N LYS A 170 -2.76 -4.34 15.54
CA LYS A 170 -1.47 -3.65 15.46
C LYS A 170 -1.48 -2.54 14.41
N ALA A 171 -2.06 -2.80 13.23
CA ALA A 171 -2.03 -1.78 12.19
C ALA A 171 -2.91 -0.57 12.56
N LEU A 172 -4.10 -0.83 13.13
CA LEU A 172 -4.96 0.29 13.51
C LEU A 172 -4.36 1.10 14.66
N ALA A 173 -3.81 0.43 15.67
CA ALA A 173 -3.17 1.14 16.78
C ALA A 173 -1.99 1.97 16.27
N THR A 174 -1.19 1.40 15.36
CA THR A 174 -0.03 2.10 14.86
C THR A 174 -0.44 3.29 14.00
N ASP A 175 -1.51 3.13 13.21
CA ASP A 175 -2.05 4.24 12.43
C ASP A 175 -2.58 5.35 13.34
N LEU A 176 -3.33 5.00 14.38
CA LEU A 176 -3.87 6.05 15.24
C LEU A 176 -2.75 6.77 15.96
N LYS A 177 -1.73 6.04 16.39
CA LYS A 177 -0.56 6.66 16.99
C LYS A 177 0.13 7.58 15.99
N ALA A 178 0.24 7.16 14.73
CA ALA A 178 0.92 7.99 13.74
C ALA A 178 0.24 9.34 13.60
N PHE A 179 -1.10 9.35 13.52
CA PHE A 179 -1.82 10.60 13.31
C PHE A 179 -1.88 11.47 14.57
N THR A 180 -1.93 10.87 15.77
CA THR A 180 -2.19 11.63 17.00
C THR A 180 -0.97 11.87 17.87
N LEU A 181 0.02 10.99 17.87
CA LEU A 181 1.14 11.11 18.79
C LEU A 181 2.51 11.18 18.14
N ASP A 182 2.65 10.82 16.87
CA ASP A 182 3.95 10.80 16.18
C ASP A 182 4.28 12.10 15.47
N ASN A 183 3.50 13.15 15.68
CA ASN A 183 3.78 14.45 15.05
C ASN A 183 3.78 14.31 13.52
N THR A 184 2.65 13.87 12.99
CA THR A 184 2.35 13.82 11.57
C THR A 184 1.33 14.89 11.16
N LEU A 185 0.59 15.45 12.11
CA LEU A 185 -0.31 16.55 11.86
C LEU A 185 0.17 17.76 12.65
N THR A 186 -0.07 18.96 12.11
CA THR A 186 0.23 20.19 12.82
C THR A 186 -0.57 20.23 14.12
N THR A 187 -0.10 21.05 15.06
CA THR A 187 -0.74 21.15 16.37
C THR A 187 -2.24 21.42 16.26
N ASP A 188 -2.61 22.39 15.43
CA ASP A 188 -4.02 22.76 15.33
C ASP A 188 -4.86 21.60 14.80
N LYS A 189 -4.38 20.92 13.74
CA LYS A 189 -5.16 19.81 13.21
C LYS A 189 -5.14 18.61 14.16
N ARG A 190 -4.01 18.37 14.83
CA ARG A 190 -3.92 17.24 15.74
C ARG A 190 -4.88 17.41 16.91
N MET A 191 -4.95 18.62 17.48
CA MET A 191 -5.81 18.85 18.63
C MET A 191 -7.27 18.86 18.24
N ILE A 192 -7.57 19.36 17.04
CA ILE A 192 -8.92 19.25 16.48
C ILE A 192 -9.33 17.77 16.39
N LEU A 193 -8.42 16.94 15.87
CA LEU A 193 -8.71 15.52 15.73
C LEU A 193 -8.96 14.85 17.08
N THR A 194 -8.07 15.09 18.06
CA THR A 194 -8.24 14.38 19.32
C THR A 194 -9.41 14.92 20.13
N ASP A 195 -9.73 16.22 20.00
CA ASP A 195 -10.93 16.72 20.67
C ASP A 195 -12.17 16.03 20.13
N TRP A 196 -12.24 15.81 18.82
CA TRP A 196 -13.38 15.10 18.24
C TRP A 196 -13.51 13.70 18.83
N MET A 197 -12.40 13.09 19.25
CA MET A 197 -12.41 11.74 19.80
C MET A 197 -12.85 11.68 21.26
N ARG A 198 -12.90 12.82 21.95
CA ARG A 198 -13.12 12.84 23.39
C ARG A 198 -14.59 13.09 23.69
N GLY A 199 -15.10 12.39 24.71
CA GLY A 199 -16.36 12.73 25.32
C GLY A 199 -17.60 12.24 24.60
N ASN A 200 -17.50 11.23 23.76
CA ASN A 200 -18.62 10.83 22.93
C ASN A 200 -19.30 9.60 23.50
N ALA A 201 -20.63 9.63 23.50
CA ALA A 201 -21.43 8.55 24.08
C ALA A 201 -21.14 7.20 23.42
N THR A 202 -20.79 7.19 22.12
CA THR A 202 -20.53 5.92 21.45
C THR A 202 -19.40 5.14 22.10
N GLY A 203 -18.51 5.82 22.83
CA GLY A 203 -17.40 5.13 23.45
C GLY A 203 -17.58 4.76 24.91
N ASP A 204 -18.74 5.06 25.52
CA ASP A 204 -18.84 5.00 26.97
C ASP A 204 -18.75 3.59 27.53
N GLU A 205 -19.19 2.57 26.79
CA GLU A 205 -19.20 1.21 27.29
C GLU A 205 -18.01 0.40 26.79
N LEU A 206 -17.04 1.04 26.14
CA LEU A 206 -15.96 0.28 25.50
C LEU A 206 -14.65 0.51 26.24
N ILE A 207 -13.60 1.03 25.58
CA ILE A 207 -12.33 1.20 26.28
C ILE A 207 -12.49 2.11 27.49
N ARG A 208 -13.32 3.15 27.38
CA ARG A 208 -13.56 4.06 28.51
C ARG A 208 -14.12 3.33 29.72
N ALA A 209 -14.95 2.31 29.50
CA ALA A 209 -15.51 1.59 30.64
C ALA A 209 -14.46 0.71 31.34
N GLY A 210 -13.35 0.42 30.68
CA GLY A 210 -12.27 -0.31 31.30
C GLY A 210 -11.15 0.55 31.83
N ALA A 211 -11.21 1.87 31.62
CA ALA A 211 -10.15 2.78 32.02
C ALA A 211 -10.43 3.32 33.42
N PRO A 212 -9.42 3.44 34.28
CA PRO A 212 -9.64 4.05 35.59
C PRO A 212 -10.16 5.47 35.44
N ILE A 213 -11.00 5.89 36.40
CA ILE A 213 -11.44 7.27 36.42
C ILE A 213 -10.24 8.18 36.53
N GLY A 214 -10.24 9.25 35.73
CA GLY A 214 -9.10 10.12 35.62
C GLY A 214 -8.14 9.81 34.49
N TRP A 215 -8.30 8.66 33.81
CA TRP A 215 -7.50 8.32 32.64
C TRP A 215 -8.37 8.69 31.46
N GLU A 216 -8.12 9.86 30.89
CA GLU A 216 -8.96 10.38 29.84
C GLU A 216 -8.83 9.51 28.59
N VAL A 217 -9.95 9.25 27.94
CA VAL A 217 -10.00 8.35 26.79
C VAL A 217 -10.62 9.10 25.60
N GLY A 218 -9.90 9.12 24.48
CA GLY A 218 -10.46 9.53 23.20
C GLY A 218 -10.49 8.30 22.30
N ASP A 219 -11.65 8.03 21.70
CA ASP A 219 -11.81 6.76 21.00
C ASP A 219 -12.59 6.92 19.71
N LYS A 220 -12.64 5.82 18.95
CA LYS A 220 -13.61 5.63 17.87
C LYS A 220 -14.07 4.18 17.91
N SER A 221 -15.37 4.00 18.11
CA SER A 221 -16.03 2.72 18.21
C SER A 221 -16.37 2.16 16.83
N GLY A 222 -16.75 0.88 16.81
CA GLY A 222 -17.24 0.28 15.58
C GLY A 222 -18.05 -0.96 15.89
N ALA A 223 -18.97 -1.29 14.98
CA ALA A 223 -19.79 -2.48 15.12
C ALA A 223 -20.17 -2.98 13.73
N GLY A 224 -20.22 -4.29 13.59
CA GLY A 224 -20.57 -4.86 12.29
C GLY A 224 -21.25 -6.20 12.43
N SER A 225 -21.42 -6.87 11.30
CA SER A 225 -22.07 -8.16 11.30
C SER A 225 -21.13 -9.20 11.90
N TYR A 226 -21.65 -10.42 12.05
CA TYR A 226 -20.91 -11.48 12.75
C TYR A 226 -20.47 -11.05 14.14
N GLY A 227 -21.28 -10.21 14.79
CA GLY A 227 -20.94 -9.78 16.14
C GLY A 227 -19.68 -8.95 16.21
N THR A 228 -19.30 -8.26 15.14
CA THR A 228 -18.09 -7.45 15.17
C THR A 228 -18.27 -6.26 16.12
N ARG A 229 -17.30 -6.07 17.03
CA ARG A 229 -17.37 -4.98 18.00
C ARG A 229 -15.94 -4.50 18.29
N ASN A 230 -15.65 -3.25 17.97
CA ASN A 230 -14.29 -2.71 17.98
C ASN A 230 -14.23 -1.39 18.75
N ASP A 231 -13.04 -1.05 19.24
CA ASP A 231 -12.76 0.28 19.74
C ASP A 231 -11.27 0.54 19.65
N ILE A 232 -10.91 1.73 19.16
CA ILE A 232 -9.52 2.17 19.13
C ILE A 232 -9.43 3.51 19.83
N ALA A 233 -8.34 3.72 20.57
CA ALA A 233 -8.34 4.84 21.49
C ALA A 233 -6.93 5.33 21.82
N ILE A 234 -6.84 6.60 22.19
CA ILE A 234 -5.72 7.12 22.96
C ILE A 234 -6.18 7.31 24.41
N VAL A 235 -5.32 6.94 25.35
CA VAL A 235 -5.61 7.06 26.78
C VAL A 235 -4.52 7.92 27.43
N TRP A 236 -4.94 8.92 28.20
CA TRP A 236 -4.01 9.82 28.88
C TRP A 236 -4.09 9.55 30.39
N PRO A 237 -3.20 8.75 30.96
CA PRO A 237 -3.22 8.53 32.41
C PRO A 237 -2.60 9.72 33.12
N PRO A 238 -3.05 10.02 34.34
CA PRO A 238 -2.47 11.15 35.07
C PRO A 238 -0.96 11.00 35.24
N ASN A 239 -0.24 12.09 35.01
CA ASN A 239 1.20 12.15 35.26
C ASN A 239 2.01 11.22 34.36
N ARG A 240 1.44 10.77 33.24
CA ARG A 240 2.09 9.77 32.40
C ARG A 240 1.98 10.13 30.92
N ALA A 241 2.82 9.47 30.12
CA ALA A 241 2.71 9.56 28.67
C ALA A 241 1.48 8.79 28.20
N PRO A 242 0.98 9.09 27.00
CA PRO A 242 -0.24 8.43 26.52
C PRO A 242 -0.01 6.96 26.18
N ILE A 243 -1.14 6.24 26.09
CA ILE A 243 -1.18 4.86 25.67
C ILE A 243 -2.12 4.78 24.47
N VAL A 244 -1.71 4.08 23.42
CA VAL A 244 -2.60 3.79 22.28
C VAL A 244 -3.07 2.37 22.43
N VAL A 245 -4.37 2.14 22.19
CA VAL A 245 -4.98 0.83 22.42
C VAL A 245 -5.95 0.55 21.27
N ALA A 246 -5.83 -0.60 20.63
CA ALA A 246 -6.80 -1.09 19.66
C ALA A 246 -7.31 -2.44 20.12
N ILE A 247 -8.64 -2.59 20.19
CA ILE A 247 -9.27 -3.84 20.61
C ILE A 247 -10.36 -4.17 19.61
N LEU A 248 -10.20 -5.29 18.92
CA LEU A 248 -11.12 -5.72 17.87
C LEU A 248 -11.74 -7.06 18.27
N SER A 249 -12.97 -7.31 17.83
CA SER A 249 -13.57 -8.58 18.21
C SER A 249 -14.65 -8.96 17.21
N ASN A 250 -14.92 -10.25 17.10
CA ASN A 250 -16.12 -10.71 16.42
C ASN A 250 -16.55 -12.07 16.98
N ARG A 251 -17.70 -12.53 16.51
CA ARG A 251 -18.25 -13.82 16.90
C ARG A 251 -18.39 -14.66 15.63
N PHE A 252 -19.13 -15.77 15.72
CA PHE A 252 -18.99 -16.82 14.72
C PHE A 252 -20.24 -17.14 13.92
N THR A 253 -21.37 -16.48 14.17
CA THR A 253 -22.52 -16.58 13.28
C THR A 253 -22.96 -15.18 12.88
N LYS A 254 -23.66 -15.11 11.75
CA LYS A 254 -23.98 -13.80 11.15
C LYS A 254 -24.76 -12.91 12.11
N ASP A 255 -25.74 -13.47 12.82
CA ASP A 255 -26.64 -12.71 13.67
C ASP A 255 -26.15 -12.56 15.11
N ALA A 256 -24.95 -13.04 15.43
CA ALA A 256 -24.46 -13.00 16.80
C ALA A 256 -24.49 -11.58 17.35
N ASN A 257 -24.97 -11.45 18.59
CA ASN A 257 -25.02 -10.16 19.27
C ASN A 257 -23.71 -9.95 20.02
N TYR A 258 -23.13 -8.76 19.87
CA TYR A 258 -21.92 -8.48 20.64
C TYR A 258 -22.28 -8.05 22.06
N ASP A 259 -21.26 -8.05 22.92
CA ASP A 259 -21.38 -7.57 24.28
C ASP A 259 -20.27 -6.55 24.49
N ASN A 260 -20.65 -5.29 24.73
CA ASN A 260 -19.67 -4.25 24.99
C ASN A 260 -18.70 -4.63 26.11
N ALA A 261 -19.15 -5.43 27.07
CA ALA A 261 -18.31 -5.77 28.21
C ALA A 261 -17.05 -6.51 27.78
N LEU A 262 -17.09 -7.23 26.65
CA LEU A 262 -15.86 -7.87 26.16
C LEU A 262 -14.76 -6.85 25.93
N ILE A 263 -15.11 -5.73 25.29
CA ILE A 263 -14.11 -4.68 25.02
C ILE A 263 -13.70 -3.98 26.32
N ALA A 264 -14.67 -3.65 27.17
CA ALA A 264 -14.33 -3.01 28.44
C ALA A 264 -13.43 -3.90 29.28
N GLU A 265 -13.70 -5.21 29.30
CA GLU A 265 -12.90 -6.10 30.13
C GLU A 265 -11.51 -6.31 29.54
N ALA A 266 -11.42 -6.39 28.21
CA ALA A 266 -10.12 -6.45 27.57
C ALA A 266 -9.30 -5.19 27.82
N ALA A 267 -9.97 -4.04 27.82
CA ALA A 267 -9.27 -2.77 28.06
C ALA A 267 -8.75 -2.69 29.47
N LYS A 268 -9.51 -3.20 30.46
CA LYS A 268 -9.00 -3.25 31.83
C LYS A 268 -7.73 -4.10 31.93
N VAL A 269 -7.70 -5.24 31.23
CA VAL A 269 -6.48 -6.07 31.22
C VAL A 269 -5.30 -5.27 30.70
N VAL A 270 -5.51 -4.57 29.57
CA VAL A 270 -4.45 -3.78 28.96
C VAL A 270 -3.98 -2.69 29.90
N LEU A 271 -4.92 -1.86 30.40
CA LEU A 271 -4.52 -0.67 31.15
C LEU A 271 -3.98 -1.00 32.53
N ASN A 272 -4.45 -2.09 33.15
CA ASN A 272 -3.87 -2.51 34.43
C ASN A 272 -2.47 -3.06 34.25
N ASP A 273 -2.19 -3.73 33.13
CA ASP A 273 -0.89 -4.36 32.93
C ASP A 273 0.16 -3.39 32.41
N LEU A 274 -0.25 -2.38 31.65
CA LEU A 274 0.64 -1.29 31.28
C LEU A 274 0.80 -0.27 32.40
N LYS A 275 0.04 -0.41 33.49
CA LYS A 275 0.17 0.46 34.65
C LYS A 275 1.56 0.36 35.26
N SER B 15 22.47 -17.18 3.61
CA SER B 15 22.11 -17.86 2.38
C SER B 15 21.09 -18.98 2.64
N CYS B 16 21.41 -19.90 3.54
CA CYS B 16 20.47 -20.98 3.85
C CYS B 16 19.20 -20.43 4.50
N ILE B 17 19.35 -19.49 5.44
CA ILE B 17 18.19 -18.89 6.09
C ILE B 17 17.30 -18.21 5.06
N THR B 18 17.89 -17.36 4.22
CA THR B 18 17.15 -16.68 3.18
C THR B 18 16.50 -17.67 2.22
N ASN B 19 17.23 -18.72 1.83
CA ASN B 19 16.72 -19.67 0.85
C ASN B 19 15.47 -20.37 1.34
N LYS B 20 15.41 -20.70 2.63
CA LYS B 20 14.24 -21.41 3.17
C LYS B 20 13.00 -20.53 3.13
N LYS B 21 13.16 -19.22 3.38
CA LYS B 21 12.03 -18.31 3.32
C LYS B 21 11.47 -18.20 1.91
N PHE B 22 12.34 -18.16 0.90
CA PHE B 22 11.86 -18.08 -0.48
C PHE B 22 11.11 -19.36 -0.86
N VAL B 23 11.63 -20.52 -0.45
CA VAL B 23 10.92 -21.79 -0.65
C VAL B 23 9.52 -21.72 -0.06
N GLN B 24 9.41 -21.19 1.17
CA GLN B 24 8.11 -21.15 1.81
C GLN B 24 7.17 -20.18 1.11
N LEU B 25 7.71 -19.05 0.63
CA LEU B 25 6.88 -18.11 -0.13
C LEU B 25 6.32 -18.75 -1.40
N GLU B 26 7.13 -19.54 -2.10
CA GLU B 26 6.65 -20.24 -3.28
C GLU B 26 5.49 -21.17 -2.95
N LYS B 27 5.59 -21.88 -1.82
CA LYS B 27 4.52 -22.77 -1.41
C LYS B 27 3.30 -21.99 -0.96
N LYS B 28 3.51 -20.95 -0.14
CA LYS B 28 2.39 -20.16 0.37
C LYS B 28 1.61 -19.51 -0.77
N PHE B 29 2.30 -18.99 -1.77
CA PHE B 29 1.65 -18.23 -2.83
C PHE B 29 1.42 -19.04 -4.11
N ASP B 30 1.71 -20.34 -4.10
CA ASP B 30 1.56 -21.21 -5.27
C ASP B 30 2.20 -20.58 -6.51
N ALA B 31 3.48 -20.28 -6.38
CA ALA B 31 4.17 -19.52 -7.42
C ALA B 31 5.63 -19.94 -7.50
N ARG B 32 6.25 -19.57 -8.61
CA ARG B 32 7.69 -19.65 -8.76
C ARG B 32 8.26 -18.24 -8.64
N LEU B 33 9.36 -18.11 -7.89
CA LEU B 33 9.91 -16.82 -7.52
C LEU B 33 11.35 -16.74 -7.98
N GLY B 34 11.74 -15.59 -8.53
CA GLY B 34 13.10 -15.34 -8.94
C GLY B 34 13.60 -14.05 -8.33
N VAL B 35 14.77 -14.08 -7.70
CA VAL B 35 15.25 -12.95 -6.90
C VAL B 35 16.72 -12.73 -7.18
N TYR B 36 17.10 -11.48 -7.40
CA TYR B 36 18.50 -11.10 -7.38
C TYR B 36 18.59 -9.70 -6.83
N ALA B 37 19.39 -9.52 -5.79
CA ALA B 37 19.63 -8.20 -5.26
C ALA B 37 21.11 -8.02 -4.98
N ILE B 38 21.59 -6.81 -5.17
CA ILE B 38 22.98 -6.49 -4.87
C ILE B 38 23.05 -5.19 -4.09
N ASP B 39 23.80 -5.23 -2.98
CA ASP B 39 24.12 -4.03 -2.20
C ASP B 39 25.35 -3.40 -2.85
N ILE B 40 25.16 -2.21 -3.43
CA ILE B 40 26.20 -1.53 -4.19
C ILE B 40 27.40 -1.20 -3.29
N GLY B 41 27.15 -1.00 -2.00
CA GLY B 41 28.23 -0.59 -1.11
C GLY B 41 29.12 -1.71 -0.62
N SER B 42 28.57 -2.91 -0.50
CA SER B 42 29.33 -4.06 -0.01
C SER B 42 29.52 -5.17 -1.03
N ASN B 43 28.83 -5.12 -2.17
CA ASN B 43 28.78 -6.19 -3.15
C ASN B 43 28.11 -7.47 -2.63
N LYS B 44 27.51 -7.41 -1.45
CA LYS B 44 26.74 -8.54 -0.95
C LYS B 44 25.53 -8.75 -1.85
N THR B 45 25.23 -10.03 -2.12
CA THR B 45 24.13 -10.38 -3.01
C THR B 45 23.19 -11.36 -2.34
N ILE B 46 21.92 -11.28 -2.72
CA ILE B 46 20.91 -12.28 -2.37
C ILE B 46 20.32 -12.80 -3.67
N ALA B 47 20.27 -14.12 -3.82
CA ALA B 47 19.89 -14.73 -5.07
C ALA B 47 19.00 -15.94 -4.80
N TYR B 48 17.95 -16.07 -5.59
CA TYR B 48 17.08 -17.25 -5.54
C TYR B 48 16.56 -17.46 -6.95
N ARG B 49 16.85 -18.63 -7.52
CA ARG B 49 16.61 -18.89 -8.94
C ARG B 49 17.09 -17.74 -9.83
N PRO B 50 18.31 -17.22 -9.61
CA PRO B 50 18.69 -15.95 -10.25
C PRO B 50 18.84 -16.05 -11.76
N ASN B 51 19.08 -17.25 -12.30
CA ASN B 51 19.30 -17.44 -13.73
C ASN B 51 18.16 -18.16 -14.43
N GLU B 52 17.03 -18.38 -13.76
CA GLU B 52 15.87 -18.96 -14.42
C GLU B 52 15.12 -17.88 -15.18
N ARG B 53 14.59 -18.24 -16.35
CA ARG B 53 13.86 -17.27 -17.16
C ARG B 53 12.44 -17.05 -16.66
N PHE B 54 11.99 -15.80 -16.81
CA PHE B 54 10.63 -15.35 -16.56
C PHE B 54 10.29 -14.36 -17.66
N ALA B 55 8.99 -14.24 -17.99
CA ALA B 55 8.57 -13.15 -18.85
C ALA B 55 8.74 -11.83 -18.11
N TYR B 56 9.38 -10.84 -18.74
CA TYR B 56 9.63 -9.57 -18.06
C TYR B 56 8.41 -8.66 -18.01
N ALA B 57 7.43 -8.84 -18.89
CA ALA B 57 6.26 -7.97 -18.92
C ALA B 57 6.68 -6.51 -18.86
N SER B 58 5.93 -5.66 -18.15
CA SER B 58 6.12 -4.22 -18.24
C SER B 58 7.47 -3.75 -17.73
N THR B 59 8.24 -4.61 -17.05
CA THR B 59 9.53 -4.15 -16.50
C THR B 59 10.51 -3.69 -17.58
N TYR B 60 10.39 -4.17 -18.83
CA TYR B 60 11.26 -3.66 -19.89
C TYR B 60 11.14 -2.15 -20.08
N LYS B 61 10.01 -1.54 -19.70
CA LYS B 61 9.76 -0.16 -20.08
C LYS B 61 10.79 0.78 -19.50
N VAL B 62 11.25 0.52 -18.28
CA VAL B 62 12.29 1.40 -17.74
C VAL B 62 13.61 1.19 -18.48
N LEU B 63 13.90 -0.04 -18.91
CA LEU B 63 15.15 -0.31 -19.61
C LEU B 63 15.12 0.26 -21.02
N ALA B 64 13.97 0.17 -21.70
CA ALA B 64 13.86 0.76 -23.02
C ALA B 64 13.96 2.27 -22.94
N ALA B 65 13.31 2.86 -21.93
CA ALA B 65 13.41 4.31 -21.77
C ALA B 65 14.84 4.71 -21.51
N ALA B 66 15.56 3.90 -20.73
CA ALA B 66 16.95 4.23 -20.44
C ALA B 66 17.82 4.12 -21.68
N ALA B 67 17.52 3.14 -22.55
CA ALA B 67 18.29 2.97 -23.78
C ALA B 67 18.03 4.13 -24.73
N VAL B 68 16.80 4.63 -24.78
CA VAL B 68 16.51 5.82 -25.57
C VAL B 68 17.24 7.03 -25.00
N LEU B 69 17.27 7.15 -23.68
CA LEU B 69 18.00 8.26 -23.04
C LEU B 69 19.47 8.20 -23.39
N LYS B 70 20.06 7.00 -23.39
CA LYS B 70 21.48 6.85 -23.71
C LYS B 70 21.77 7.35 -25.12
N LYS B 71 20.91 7.04 -26.08
CA LYS B 71 21.16 7.30 -27.50
C LYS B 71 20.92 8.74 -27.92
N ASN B 72 20.21 9.52 -27.11
CA ASN B 72 19.80 10.85 -27.52
C ASN B 72 20.31 11.88 -26.53
N SER B 73 20.55 13.09 -27.04
CA SER B 73 20.79 14.20 -26.14
C SER B 73 19.53 14.51 -25.37
N ILE B 74 19.69 15.15 -24.20
CA ILE B 74 18.53 15.52 -23.41
C ILE B 74 17.60 16.44 -24.21
N GLU B 75 18.17 17.27 -25.09
CA GLU B 75 17.34 18.16 -25.90
C GLU B 75 16.52 17.39 -26.93
N LYS B 76 17.12 16.38 -27.57
CA LYS B 76 16.41 15.64 -28.62
C LYS B 76 15.20 14.90 -28.09
N LEU B 77 15.12 14.69 -26.77
CA LEU B 77 13.94 14.06 -26.18
C LEU B 77 12.72 14.97 -26.21
N ASN B 78 12.88 16.25 -26.54
CA ASN B 78 11.73 17.14 -26.65
C ASN B 78 11.04 17.02 -28.01
N GLU B 79 11.64 16.32 -28.97
CA GLU B 79 10.98 16.08 -30.25
C GLU B 79 9.66 15.38 -30.02
N VAL B 80 8.63 15.79 -30.77
CA VAL B 80 7.27 15.29 -30.59
C VAL B 80 7.04 14.10 -31.51
N ILE B 81 6.45 13.05 -30.97
CA ILE B 81 6.07 11.86 -31.73
C ILE B 81 4.57 11.92 -31.96
N HIS B 82 4.15 11.84 -33.23
CA HIS B 82 2.77 12.04 -33.64
C HIS B 82 2.15 10.71 -34.01
N TYR B 83 1.70 9.97 -33.02
CA TYR B 83 1.07 8.68 -33.23
C TYR B 83 -0.43 8.86 -33.50
N SER B 84 -1.05 7.84 -34.06
CA SER B 84 -2.45 7.93 -34.45
C SER B 84 -3.32 7.05 -33.57
N LYS B 85 -4.63 7.21 -33.74
CA LYS B 85 -5.59 6.36 -33.01
C LYS B 85 -5.35 4.89 -33.30
N ASP B 86 -4.84 4.57 -34.48
CA ASP B 86 -4.61 3.19 -34.87
C ASP B 86 -3.34 2.62 -34.27
N ASP B 87 -2.48 3.45 -33.70
CA ASP B 87 -1.32 2.96 -32.97
C ASP B 87 -1.66 2.54 -31.54
N LEU B 88 -2.82 2.89 -31.03
CA LEU B 88 -3.13 2.64 -29.63
C LEU B 88 -3.42 1.17 -29.39
N VAL B 89 -2.81 0.62 -28.35
CA VAL B 89 -3.10 -0.74 -27.89
C VAL B 89 -3.78 -0.64 -26.51
N THR B 90 -4.28 -1.79 -26.05
CA THR B 90 -4.91 -1.86 -24.73
C THR B 90 -3.98 -1.33 -23.64
N TYR B 91 -4.57 -0.71 -22.62
CA TYR B 91 -3.88 -0.12 -21.47
C TYR B 91 -2.89 0.97 -21.90
N SER B 92 -3.47 2.05 -22.41
CA SER B 92 -2.71 3.24 -22.81
C SER B 92 -3.29 4.47 -22.12
N PRO B 93 -3.28 4.50 -20.79
CA PRO B 93 -4.01 5.57 -20.07
C PRO B 93 -3.50 6.97 -20.33
N ILE B 94 -2.23 7.14 -20.69
CA ILE B 94 -1.66 8.45 -20.97
C ILE B 94 -1.71 8.77 -22.46
N THR B 95 -1.20 7.87 -23.29
CA THR B 95 -1.13 8.16 -24.72
C THR B 95 -2.51 8.33 -25.34
N GLU B 96 -3.53 7.63 -24.84
CA GLU B 96 -4.86 7.76 -25.43
C GLU B 96 -5.44 9.16 -25.23
N LYS B 97 -4.87 9.94 -24.32
CA LYS B 97 -5.37 11.26 -23.97
C LYS B 97 -4.66 12.38 -24.71
N HIS B 98 -3.65 12.06 -25.51
CA HIS B 98 -2.87 13.07 -26.21
C HIS B 98 -2.84 12.86 -27.72
N LEU B 99 -3.83 12.16 -28.28
CA LEU B 99 -3.89 11.94 -29.72
C LEU B 99 -3.85 13.25 -30.50
N ASP B 100 -4.46 14.29 -29.95
CA ASP B 100 -4.63 15.52 -30.72
C ASP B 100 -3.34 16.33 -30.80
N THR B 101 -2.36 16.05 -29.94
CA THR B 101 -1.13 16.82 -29.90
C THR B 101 0.14 16.00 -30.12
N GLY B 102 0.08 14.69 -29.96
CA GLY B 102 1.32 13.92 -29.86
C GLY B 102 1.95 14.13 -28.50
N MET B 103 3.08 13.46 -28.29
CA MET B 103 3.82 13.56 -27.05
C MET B 103 5.31 13.52 -27.36
N SER B 104 6.10 14.27 -26.60
CA SER B 104 7.54 14.21 -26.79
C SER B 104 8.08 12.87 -26.30
N LEU B 105 9.28 12.53 -26.77
CA LEU B 105 9.93 11.30 -26.30
C LEU B 105 10.14 11.33 -24.79
N LYS B 106 10.43 12.52 -24.24
CA LYS B 106 10.51 12.66 -22.80
C LYS B 106 9.20 12.26 -22.12
N GLU B 107 8.08 12.80 -22.62
CA GLU B 107 6.77 12.50 -22.05
C GLU B 107 6.37 11.04 -22.26
N ILE B 108 6.74 10.47 -23.41
CA ILE B 108 6.49 9.06 -23.69
C ILE B 108 7.24 8.17 -22.71
N SER B 109 8.53 8.47 -22.46
CA SER B 109 9.30 7.68 -21.51
C SER B 109 8.72 7.78 -20.11
N GLU B 110 8.35 9.00 -19.71
CA GLU B 110 7.73 9.15 -18.40
C GLU B 110 6.42 8.37 -18.30
N ALA B 111 5.59 8.41 -19.35
CA ALA B 111 4.33 7.68 -19.30
C ALA B 111 4.57 6.17 -19.23
N ALA B 112 5.58 5.67 -19.94
CA ALA B 112 5.90 4.24 -19.87
C ALA B 112 6.32 3.83 -18.48
N ILE B 113 7.18 4.65 -17.83
CA ILE B 113 7.72 4.28 -16.53
C ILE B 113 6.73 4.52 -15.41
N ARG B 114 6.06 5.69 -15.42
CA ARG B 114 5.22 6.06 -14.29
C ARG B 114 3.89 5.33 -14.31
N TYR B 115 3.31 5.12 -15.50
CA TYR B 115 1.97 4.57 -15.63
C TYR B 115 1.89 3.27 -16.40
N SER B 116 3.03 2.76 -16.88
CA SER B 116 3.07 1.47 -17.57
C SER B 116 2.30 1.48 -18.87
N ASP B 117 2.22 2.65 -19.51
CA ASP B 117 1.43 2.83 -20.73
C ASP B 117 1.98 1.94 -21.85
N ASN B 118 1.08 1.14 -22.44
CA ASN B 118 1.53 0.13 -23.39
C ASN B 118 1.87 0.72 -24.76
N THR B 119 1.11 1.71 -25.22
CA THR B 119 1.50 2.36 -26.47
C THR B 119 2.83 3.09 -26.31
N ALA B 120 3.05 3.72 -25.16
CA ALA B 120 4.33 4.36 -24.90
C ALA B 120 5.46 3.35 -24.97
N GLY B 121 5.25 2.17 -24.36
CA GLY B 121 6.22 1.10 -24.48
C GLY B 121 6.54 0.73 -25.91
N ASN B 122 5.49 0.59 -26.75
CA ASN B 122 5.68 0.26 -28.16
C ASN B 122 6.46 1.36 -28.88
N ILE B 123 6.17 2.63 -28.58
CA ILE B 123 6.89 3.72 -29.22
C ILE B 123 8.38 3.68 -28.85
N LEU B 124 8.69 3.39 -27.58
CA LEU B 124 10.09 3.24 -27.18
C LEU B 124 10.75 2.09 -27.92
N LEU B 125 10.07 0.94 -28.00
CA LEU B 125 10.60 -0.18 -28.77
C LEU B 125 10.84 0.22 -30.22
N GLN B 126 9.89 0.93 -30.83
CA GLN B 126 10.07 1.38 -32.20
C GLN B 126 11.27 2.32 -32.35
N GLN B 127 11.45 3.23 -31.39
CA GLN B 127 12.60 4.14 -31.42
C GLN B 127 13.91 3.39 -31.47
N LEU B 128 13.98 2.23 -30.83
CA LEU B 128 15.19 1.44 -30.73
C LEU B 128 15.34 0.44 -31.87
N GLY B 129 14.42 0.45 -32.84
CA GLY B 129 14.48 -0.52 -33.91
C GLY B 129 13.65 -1.76 -33.68
N GLY B 130 12.58 -1.66 -32.90
CA GLY B 130 11.74 -2.78 -32.59
C GLY B 130 12.37 -3.67 -31.53
N PRO B 131 11.70 -4.78 -31.19
CA PRO B 131 12.23 -5.67 -30.16
C PRO B 131 13.68 -6.10 -30.39
N LYS B 132 14.06 -6.43 -31.63
CA LYS B 132 15.44 -6.83 -31.88
C LYS B 132 16.43 -5.70 -31.64
N GLY B 133 16.03 -4.46 -31.93
CA GLY B 133 16.90 -3.33 -31.64
C GLY B 133 17.02 -3.06 -30.15
N PHE B 134 15.90 -3.20 -29.42
CA PHE B 134 15.93 -3.16 -27.96
C PHE B 134 16.90 -4.21 -27.40
N GLU B 135 16.82 -5.44 -27.90
CA GLU B 135 17.75 -6.46 -27.42
C GLU B 135 19.20 -6.08 -27.72
N LYS B 136 19.47 -5.56 -28.92
CA LYS B 136 20.82 -5.11 -29.24
C LYS B 136 21.29 -4.01 -28.30
N SER B 137 20.39 -3.10 -27.90
CA SER B 137 20.82 -2.04 -26.99
C SER B 137 21.13 -2.59 -25.59
N LEU B 138 20.49 -3.70 -25.20
CA LEU B 138 20.85 -4.34 -23.93
C LEU B 138 22.18 -5.06 -24.03
N LYS B 139 22.44 -5.72 -25.16
CA LYS B 139 23.75 -6.34 -25.35
C LYS B 139 24.86 -5.33 -25.20
N GLN B 140 24.61 -4.08 -25.65
N GLN B 140 24.63 -4.09 -25.66
CA GLN B 140 25.61 -3.01 -25.56
CA GLN B 140 25.67 -3.06 -25.55
C GLN B 140 25.94 -2.62 -24.14
C GLN B 140 26.02 -2.77 -24.10
N ILE B 141 25.07 -2.90 -23.18
CA ILE B 141 25.36 -2.66 -21.76
C ILE B 141 25.69 -3.95 -21.03
N GLY B 142 25.96 -5.02 -21.76
CA GLY B 142 26.46 -6.27 -21.18
C GLY B 142 25.40 -7.32 -20.91
N ASP B 143 24.19 -7.16 -21.43
CA ASP B 143 23.09 -8.11 -21.19
C ASP B 143 22.96 -9.02 -22.41
N HIS B 144 23.49 -10.23 -22.29
CA HIS B 144 23.35 -11.23 -23.34
C HIS B 144 22.29 -12.28 -23.00
N VAL B 145 21.47 -12.01 -22.00
CA VAL B 145 20.46 -12.93 -21.49
C VAL B 145 19.07 -12.59 -22.02
N THR B 146 18.68 -11.32 -21.88
CA THR B 146 17.33 -10.92 -22.28
C THR B 146 17.07 -11.18 -23.75
N LYS B 147 15.91 -11.75 -24.06
CA LYS B 147 15.50 -12.01 -25.44
C LYS B 147 14.20 -11.27 -25.69
N ALA B 148 14.23 -10.28 -26.59
CA ALA B 148 13.06 -9.48 -26.93
C ALA B 148 12.63 -9.78 -28.35
N LYS B 149 11.35 -10.09 -28.53
CA LYS B 149 10.86 -10.49 -29.84
C LYS B 149 9.57 -9.82 -30.28
N ARG B 150 8.68 -9.43 -29.35
CA ARG B 150 7.35 -8.96 -29.72
C ARG B 150 7.04 -7.59 -29.11
N PHE B 151 6.06 -6.92 -29.72
CA PHE B 151 5.51 -5.67 -29.22
C PHE B 151 4.37 -5.94 -28.24
N GLU B 152 3.90 -4.86 -27.62
CA GLU B 152 2.66 -4.91 -26.82
C GLU B 152 1.48 -5.15 -27.74
N THR B 153 0.50 -5.93 -27.28
CA THR B 153 0.51 -6.53 -25.95
C THR B 153 0.93 -8.00 -25.94
N ASP B 154 1.31 -8.53 -27.11
CA ASP B 154 1.64 -9.95 -27.22
C ASP B 154 2.83 -10.34 -26.36
N LEU B 155 3.70 -9.40 -26.02
CA LEU B 155 4.91 -9.74 -25.26
C LEU B 155 4.62 -10.22 -23.82
N ASN B 156 3.37 -10.12 -23.35
CA ASN B 156 3.03 -10.50 -21.98
C ASN B 156 2.45 -11.91 -21.87
N SER B 157 2.52 -12.70 -22.93
CA SER B 157 1.86 -14.00 -22.95
C SER B 157 2.45 -14.99 -21.94
N ALA B 158 3.75 -14.90 -21.65
CA ALA B 158 4.37 -15.62 -20.54
C ALA B 158 4.14 -17.14 -20.58
N ILE B 159 4.24 -17.73 -21.77
CA ILE B 159 3.90 -19.16 -21.94
C ILE B 159 5.05 -20.01 -21.41
N PRO B 160 4.77 -21.05 -20.62
CA PRO B 160 5.83 -21.97 -20.18
C PRO B 160 6.67 -22.47 -21.35
N GLY B 161 8.00 -22.38 -21.20
CA GLY B 161 8.93 -22.86 -22.20
C GLY B 161 9.19 -21.91 -23.36
N ASP B 162 8.52 -20.76 -23.39
CA ASP B 162 8.68 -19.81 -24.49
C ASP B 162 9.76 -18.81 -24.08
N ILE B 163 10.79 -18.68 -24.93
CA ILE B 163 11.88 -17.75 -24.62
C ILE B 163 11.57 -16.31 -24.99
N ARG B 164 10.52 -16.07 -25.78
CA ARG B 164 10.25 -14.72 -26.26
C ARG B 164 9.94 -13.79 -25.09
N ASP B 165 10.61 -12.64 -25.07
CA ASP B 165 10.31 -11.58 -24.12
C ASP B 165 10.56 -12.06 -22.69
N THR B 166 11.69 -12.73 -22.49
CA THR B 166 12.08 -13.21 -21.18
C THR B 166 13.46 -12.67 -20.80
N SER B 167 13.71 -12.67 -19.49
CA SER B 167 15.02 -12.43 -18.94
C SER B 167 15.14 -13.20 -17.63
N THR B 168 16.16 -12.88 -16.86
CA THR B 168 16.32 -13.47 -15.53
C THR B 168 16.41 -12.35 -14.49
N ALA B 169 16.17 -12.70 -13.23
CA ALA B 169 16.28 -11.69 -12.17
C ALA B 169 17.67 -11.06 -12.15
N LYS B 170 18.71 -11.89 -12.32
CA LYS B 170 20.06 -11.36 -12.28
C LYS B 170 20.32 -10.41 -13.45
N ALA B 171 19.86 -10.78 -14.65
CA ALA B 171 20.13 -9.93 -15.82
C ALA B 171 19.39 -8.60 -15.71
N LEU B 172 18.13 -8.62 -15.28
CA LEU B 172 17.36 -7.37 -15.19
C LEU B 172 17.89 -6.47 -14.08
N ALA B 173 18.27 -7.05 -12.94
CA ALA B 173 18.88 -6.24 -11.89
C ALA B 173 20.20 -5.64 -12.35
N THR B 174 21.02 -6.44 -13.03
CA THR B 174 22.30 -5.95 -13.53
C THR B 174 22.09 -4.81 -14.53
N ASP B 175 21.08 -4.94 -15.40
CA ASP B 175 20.77 -3.86 -16.34
C ASP B 175 20.31 -2.61 -15.61
N LEU B 176 19.42 -2.76 -14.63
CA LEU B 176 18.94 -1.59 -13.89
C LEU B 176 20.10 -0.89 -13.20
N LYS B 177 21.03 -1.67 -12.64
CA LYS B 177 22.22 -1.09 -12.04
C LYS B 177 23.06 -0.36 -13.08
N ALA B 178 23.25 -0.96 -14.26
CA ALA B 178 24.06 -0.33 -15.30
C ALA B 178 23.52 1.04 -15.67
N PHE B 179 22.20 1.15 -15.87
CA PHE B 179 21.62 2.43 -16.29
C PHE B 179 21.51 3.43 -15.16
N THR B 180 21.11 3.00 -13.95
CA THR B 180 20.88 3.96 -12.88
C THR B 180 22.15 4.36 -12.15
N LEU B 181 23.22 3.54 -12.21
CA LEU B 181 24.37 3.79 -11.34
C LEU B 181 25.72 3.77 -12.05
N ASP B 182 25.90 2.90 -13.05
CA ASP B 182 27.22 2.71 -13.67
C ASP B 182 27.49 3.75 -14.75
N ASN B 183 28.49 3.48 -15.63
CA ASN B 183 29.03 4.39 -16.67
C ASN B 183 28.07 4.67 -17.83
N THR B 184 26.84 4.17 -17.80
CA THR B 184 26.05 4.09 -19.01
C THR B 184 25.45 5.44 -19.42
N LEU B 185 24.90 6.19 -18.48
CA LEU B 185 24.27 7.46 -18.75
C LEU B 185 25.08 8.59 -18.09
N THR B 186 24.99 9.78 -18.67
CA THR B 186 25.55 10.95 -17.98
C THR B 186 24.80 11.19 -16.68
N THR B 187 25.42 11.97 -15.79
CA THR B 187 24.79 12.23 -14.50
C THR B 187 23.42 12.88 -14.65
N ASP B 188 23.28 13.82 -15.59
CA ASP B 188 21.99 14.49 -15.75
C ASP B 188 20.93 13.51 -16.25
N LYS B 189 21.31 12.61 -17.16
CA LYS B 189 20.36 11.61 -17.64
C LYS B 189 20.00 10.63 -16.54
N ARG B 190 20.97 10.26 -15.70
CA ARG B 190 20.69 9.35 -14.59
C ARG B 190 19.65 9.93 -13.66
N MET B 191 19.73 11.24 -13.37
CA MET B 191 18.77 11.88 -12.49
C MET B 191 17.38 11.89 -13.09
N ILE B 192 17.28 12.16 -14.41
CA ILE B 192 15.99 12.10 -15.09
C ILE B 192 15.37 10.71 -14.95
N LEU B 193 16.18 9.67 -15.17
CA LEU B 193 15.70 8.29 -15.11
C LEU B 193 15.25 7.89 -13.71
N THR B 194 16.10 8.15 -12.70
CA THR B 194 15.72 7.75 -11.35
C THR B 194 14.51 8.55 -10.87
N ASP B 195 14.42 9.83 -11.26
CA ASP B 195 13.23 10.59 -10.91
C ASP B 195 11.97 9.99 -11.52
N TRP B 196 12.02 9.55 -12.79
CA TRP B 196 10.85 8.91 -13.39
C TRP B 196 10.40 7.69 -12.60
N MET B 197 11.34 7.01 -11.93
CA MET B 197 11.03 5.78 -11.19
C MET B 197 10.47 6.04 -9.79
N ARG B 198 10.48 7.28 -9.30
CA ARG B 198 10.09 7.58 -7.92
C ARG B 198 8.60 7.83 -7.81
N GLY B 199 7.99 7.27 -6.75
CA GLY B 199 6.68 7.73 -6.29
C GLY B 199 5.50 7.34 -7.13
N ASN B 200 5.58 6.25 -7.88
CA ASN B 200 4.51 5.83 -8.77
C ASN B 200 3.62 4.78 -8.12
N ALA B 201 2.30 4.98 -8.24
CA ALA B 201 1.30 4.12 -7.61
C ALA B 201 1.41 2.67 -8.06
N THR B 202 1.83 2.42 -9.31
CA THR B 202 1.99 1.04 -9.76
C THR B 202 2.92 0.24 -8.88
N GLY B 203 3.82 0.89 -8.14
CA GLY B 203 4.75 0.16 -7.29
C GLY B 203 4.37 0.07 -5.83
N ASP B 204 3.21 0.61 -5.44
CA ASP B 204 2.89 0.78 -4.01
C ASP B 204 2.78 -0.53 -3.25
N GLU B 205 2.34 -1.61 -3.90
CA GLU B 205 2.07 -2.87 -3.21
C GLU B 205 3.17 -3.91 -3.42
N LEU B 206 4.29 -3.49 -4.02
CA LEU B 206 5.33 -4.41 -4.43
C LEU B 206 6.56 -4.25 -3.56
N ILE B 207 7.73 -3.97 -4.14
CA ILE B 207 8.95 -3.85 -3.33
C ILE B 207 8.80 -2.75 -2.29
N ARG B 208 8.16 -1.63 -2.66
CA ARG B 208 7.93 -0.56 -1.70
C ARG B 208 7.20 -1.05 -0.46
N ALA B 209 6.26 -2.00 -0.61
CA ALA B 209 5.51 -2.49 0.53
C ALA B 209 6.31 -3.41 1.44
N GLY B 210 7.52 -3.82 1.02
CA GLY B 210 8.44 -4.58 1.83
C GLY B 210 9.68 -3.85 2.28
N ALA B 211 9.79 -2.53 2.05
CA ALA B 211 11.01 -1.76 2.32
C ALA B 211 11.03 -1.23 3.77
N PRO B 212 12.21 -1.23 4.41
CA PRO B 212 12.30 -0.72 5.78
C PRO B 212 11.92 0.75 5.88
N ILE B 213 11.58 1.15 7.11
CA ILE B 213 11.16 2.52 7.38
C ILE B 213 12.26 3.48 6.99
N GLY B 214 11.90 4.49 6.20
CA GLY B 214 12.85 5.49 5.78
C GLY B 214 13.64 5.16 4.54
N TRP B 215 13.33 4.05 3.88
CA TRP B 215 14.03 3.66 2.66
C TRP B 215 13.16 4.04 1.46
N GLU B 216 13.77 4.67 0.47
CA GLU B 216 13.05 5.11 -0.72
C GLU B 216 13.17 4.05 -1.80
N VAL B 217 12.10 3.87 -2.57
CA VAL B 217 12.07 2.82 -3.59
C VAL B 217 11.72 3.46 -4.93
N GLY B 218 12.59 3.31 -5.91
CA GLY B 218 12.24 3.64 -7.28
C GLY B 218 12.12 2.37 -8.09
N ASP B 219 10.97 2.11 -8.71
CA ASP B 219 10.71 0.77 -9.24
C ASP B 219 10.09 0.84 -10.63
N LYS B 220 9.97 -0.34 -11.24
CA LYS B 220 9.12 -0.55 -12.40
C LYS B 220 8.47 -1.90 -12.25
N SER B 221 7.13 -1.90 -12.17
CA SER B 221 6.30 -3.07 -12.01
C SER B 221 6.05 -3.77 -13.34
N GLY B 222 5.55 -5.00 -13.27
CA GLY B 222 5.03 -5.67 -14.44
C GLY B 222 4.07 -6.77 -14.05
N ALA B 223 3.19 -7.11 -15.00
CA ALA B 223 2.24 -8.19 -14.81
C ALA B 223 1.95 -8.81 -16.17
N GLY B 224 1.74 -10.12 -16.18
CA GLY B 224 1.49 -10.83 -17.42
C GLY B 224 0.62 -12.05 -17.22
N SER B 225 0.44 -12.85 -18.28
N SER B 225 0.46 -12.84 -18.28
CA SER B 225 -0.35 -14.05 -18.15
CA SER B 225 -0.33 -14.06 -18.19
C SER B 225 0.39 -15.08 -17.31
C SER B 225 0.40 -15.10 -17.32
N TYR B 226 -0.27 -16.21 -17.04
CA TYR B 226 0.26 -17.24 -16.13
C TYR B 226 0.60 -16.64 -14.77
N GLY B 227 -0.19 -15.65 -14.35
CA GLY B 227 0.00 -15.02 -13.06
C GLY B 227 1.34 -14.33 -12.91
N THR B 228 1.94 -13.86 -14.00
CA THR B 228 3.25 -13.23 -13.91
C THR B 228 3.13 -11.91 -13.15
N ARG B 229 4.02 -11.70 -12.20
CA ARG B 229 4.02 -10.46 -11.42
C ARG B 229 5.45 -10.15 -11.02
N ASN B 230 5.95 -9.00 -11.45
CA ASN B 230 7.35 -8.64 -11.32
C ASN B 230 7.51 -7.24 -10.75
N ASP B 231 8.66 -7.00 -10.14
CA ASP B 231 9.04 -5.63 -9.81
C ASP B 231 10.55 -5.57 -9.80
N ILE B 232 11.11 -4.52 -10.43
CA ILE B 232 12.53 -4.26 -10.37
C ILE B 232 12.73 -2.86 -9.81
N ALA B 233 13.78 -2.69 -9.00
CA ALA B 233 13.86 -1.43 -8.26
C ALA B 233 15.29 -1.07 -7.91
N ILE B 234 15.51 0.22 -7.75
N ILE B 234 15.51 0.23 -7.75
CA ILE B 234 16.64 0.72 -6.98
CA ILE B 234 16.61 0.78 -6.98
C ILE B 234 16.08 1.18 -5.63
C ILE B 234 16.06 1.16 -5.62
N VAL B 235 16.74 0.75 -4.55
CA VAL B 235 16.29 1.02 -3.19
C VAL B 235 17.35 1.86 -2.51
N TRP B 236 16.93 2.98 -1.92
CA TRP B 236 17.85 3.92 -1.32
C TRP B 236 17.65 3.97 0.19
N PRO B 237 18.47 3.28 0.99
CA PRO B 237 18.50 3.59 2.42
C PRO B 237 19.09 4.97 2.61
N PRO B 238 18.81 5.63 3.73
CA PRO B 238 19.47 6.91 4.00
C PRO B 238 20.96 6.71 4.27
N ASN B 239 21.76 7.60 3.69
CA ASN B 239 23.18 7.71 4.04
C ASN B 239 23.91 6.38 3.85
N ARG B 240 23.54 5.66 2.79
CA ARG B 240 24.18 4.41 2.41
C ARG B 240 24.13 4.29 0.89
N ALA B 241 25.01 3.45 0.35
CA ALA B 241 24.93 3.14 -1.07
C ALA B 241 23.62 2.42 -1.37
N PRO B 242 23.12 2.54 -2.60
CA PRO B 242 21.83 1.91 -2.93
C PRO B 242 21.93 0.39 -3.05
N ILE B 243 20.75 -0.21 -3.15
CA ILE B 243 20.56 -1.64 -3.40
C ILE B 243 19.75 -1.75 -4.68
N VAL B 244 20.15 -2.66 -5.56
CA VAL B 244 19.42 -2.91 -6.81
C VAL B 244 18.82 -4.31 -6.70
N VAL B 245 17.53 -4.44 -7.01
CA VAL B 245 16.81 -5.68 -6.76
C VAL B 245 15.80 -5.94 -7.87
N ALA B 246 15.77 -7.19 -8.32
CA ALA B 246 14.74 -7.69 -9.21
C ALA B 246 14.01 -8.85 -8.54
N ILE B 247 12.69 -8.80 -8.53
CA ILE B 247 11.86 -9.90 -8.01
C ILE B 247 10.86 -10.24 -9.10
N LEU B 248 10.97 -11.46 -9.64
CA LEU B 248 10.10 -11.93 -10.70
C LEU B 248 9.29 -13.11 -10.18
N SER B 249 8.08 -13.29 -10.72
CA SER B 249 7.27 -14.42 -10.27
C SER B 249 6.27 -14.82 -11.35
N ASN B 250 5.80 -16.06 -11.26
CA ASN B 250 4.64 -16.49 -12.03
C ASN B 250 3.96 -17.64 -11.31
N ARG B 251 2.76 -17.97 -11.77
CA ARG B 251 2.02 -19.12 -11.28
C ARG B 251 1.92 -20.16 -12.41
N PHE B 252 1.03 -21.12 -12.27
CA PHE B 252 1.14 -22.35 -13.03
C PHE B 252 -0.03 -22.64 -13.97
N THR B 253 -1.04 -21.79 -14.00
CA THR B 253 -2.14 -21.92 -14.94
C THR B 253 -2.30 -20.58 -15.65
N LYS B 254 -2.84 -20.63 -16.87
CA LYS B 254 -2.83 -19.47 -17.76
C LYS B 254 -3.60 -18.30 -17.17
N ASP B 255 -4.76 -18.57 -16.58
N ASP B 255 -4.76 -18.56 -16.57
CA ASP B 255 -5.62 -17.54 -16.01
CA ASP B 255 -5.60 -17.52 -16.01
C ASP B 255 -5.44 -17.38 -14.50
C ASP B 255 -5.45 -17.39 -14.50
N ALA B 256 -4.35 -17.92 -13.94
CA ALA B 256 -4.08 -17.74 -12.52
C ALA B 256 -3.80 -16.26 -12.24
N ASN B 257 -4.36 -15.76 -11.15
CA ASN B 257 -4.15 -14.38 -10.77
C ASN B 257 -2.96 -14.27 -9.83
N TYR B 258 -2.27 -13.13 -9.89
CA TYR B 258 -1.18 -12.89 -8.97
C TYR B 258 -1.69 -12.29 -7.65
N ASP B 259 -0.82 -12.32 -6.64
CA ASP B 259 -1.02 -11.63 -5.38
C ASP B 259 0.21 -10.76 -5.15
N ASN B 260 -0.01 -9.45 -5.06
CA ASN B 260 1.11 -8.51 -4.84
C ASN B 260 1.90 -8.85 -3.59
N ALA B 261 1.24 -9.44 -2.59
CA ALA B 261 1.91 -9.75 -1.32
C ALA B 261 3.10 -10.67 -1.52
N LEU B 262 3.08 -11.53 -2.55
CA LEU B 262 4.26 -12.34 -2.84
C LEU B 262 5.51 -11.48 -3.05
N ILE B 263 5.37 -10.43 -3.85
CA ILE B 263 6.50 -9.54 -4.12
C ILE B 263 6.88 -8.76 -2.87
N ALA B 264 5.89 -8.20 -2.16
CA ALA B 264 6.18 -7.47 -0.92
C ALA B 264 6.89 -8.35 0.09
N GLU B 265 6.42 -9.59 0.29
CA GLU B 265 7.05 -10.49 1.25
C GLU B 265 8.46 -10.90 0.83
N ALA B 266 8.66 -11.16 -0.46
CA ALA B 266 10.01 -11.45 -0.95
C ALA B 266 10.94 -10.25 -0.75
N ALA B 267 10.42 -9.03 -0.98
CA ALA B 267 11.23 -7.84 -0.75
C ALA B 267 11.63 -7.71 0.73
N LYS B 268 10.75 -8.11 1.64
CA LYS B 268 11.08 -8.04 3.06
C LYS B 268 12.30 -8.91 3.37
N VAL B 269 12.30 -10.15 2.87
CA VAL B 269 13.43 -11.06 3.09
C VAL B 269 14.71 -10.43 2.54
N VAL B 270 14.65 -9.90 1.33
CA VAL B 270 15.82 -9.28 0.71
C VAL B 270 16.30 -8.09 1.52
N LEU B 271 15.41 -7.12 1.75
CA LEU B 271 15.88 -5.85 2.32
C LEU B 271 16.18 -5.97 3.80
N ASN B 272 15.45 -6.83 4.53
CA ASN B 272 15.80 -7.06 5.94
C ASN B 272 17.11 -7.81 6.07
N ASP B 273 17.52 -8.55 5.05
CA ASP B 273 18.80 -9.24 5.11
C ASP B 273 19.96 -8.36 4.70
N LEU B 274 19.74 -7.37 3.84
CA LEU B 274 20.80 -6.44 3.48
C LEU B 274 20.88 -5.27 4.45
N LYS B 275 19.91 -5.13 5.34
CA LYS B 275 19.86 -4.04 6.30
C LYS B 275 21.01 -4.12 7.30
#